data_1GX0
#
_entry.id   1GX0
#
_cell.length_a   45.059
_cell.length_b   94.277
_cell.length_c   94.364
_cell.angle_alpha   90.00
_cell.angle_beta   99.09
_cell.angle_gamma   90.00
#
_symmetry.space_group_name_H-M   'P 1 21 1'
#
loop_
_entity.id
_entity.type
_entity.pdbx_description
1 polymer 'N-ACETYLLACTOSAMINIDE ALPHA-1,3-GALACTOSYLTRANSFERASE'
2 non-polymer "URIDINE-5'-DIPHOSPHATE"
3 non-polymer 'MANGANESE (II) ION'
4 non-polymer GLYCEROL
5 non-polymer beta-D-galactopyranose
6 water water
#
_entity_poly.entity_id   1
_entity_poly.type   'polypeptide(L)'
_entity_poly.pdbx_seq_one_letter_code
;ESKLKLSDWFNPFKRPEVVTMTKWKAPVVWEGTYNRAVLDNYYAKQKITVGLTVFAVGRYIEHYLEEFLTSANKHFMVGH
PVIFYIMVDDVSRMPLIELGPLRSFKVFKIKPEKRWQDISMMRMKTIGEHIVAHIQHEVDFLFCMDVDQVFQDKFGVETL
GESVAQLQAWWYKADPNDFTYERRKESAAYIPFGEGDFYYHAAIFGGTPTQVLNITQECFKGILKDKKNDIEAQWHDESH
LNKYFLLNKPTKILSPEYCWDYHIGLPADIKLVKMSWQTKEYNVVRNNV
;
_entity_poly.pdbx_strand_id   A,B
#
# COMPACT_ATOMS: atom_id res chain seq x y z
N LYS A 3 10.93 -23.27 -12.15
CA LYS A 3 10.07 -23.53 -13.34
C LYS A 3 10.37 -22.57 -14.48
N LEU A 4 10.50 -21.28 -14.15
CA LEU A 4 10.79 -20.27 -15.16
C LEU A 4 12.23 -20.42 -15.64
N LYS A 5 12.41 -20.56 -16.95
CA LYS A 5 13.74 -20.70 -17.53
C LYS A 5 14.07 -19.46 -18.37
N LEU A 6 15.33 -19.06 -18.34
CA LEU A 6 15.80 -17.90 -19.09
C LEU A 6 15.28 -17.80 -20.52
N SER A 7 15.44 -18.88 -21.29
N SER A 7 15.44 -18.88 -21.29
CA SER A 7 15.00 -18.92 -22.67
CA SER A 7 14.99 -18.91 -22.68
C SER A 7 13.50 -18.65 -22.81
C SER A 7 13.50 -18.64 -22.82
N ASP A 8 12.74 -18.92 -21.75
CA ASP A 8 11.29 -18.71 -21.77
C ASP A 8 10.92 -17.24 -22.01
N TRP A 9 11.77 -16.31 -21.57
CA TRP A 9 11.47 -14.89 -21.72
C TRP A 9 12.61 -14.04 -22.28
N PHE A 10 13.81 -14.60 -22.33
CA PHE A 10 14.98 -13.84 -22.78
C PHE A 10 15.59 -14.34 -24.09
N ASN A 11 15.69 -13.45 -25.06
CA ASN A 11 16.27 -13.77 -26.36
C ASN A 11 17.39 -12.79 -26.67
N PRO A 12 18.64 -13.14 -26.33
CA PRO A 12 19.78 -12.27 -26.57
C PRO A 12 20.05 -11.93 -28.03
N PHE A 13 19.65 -12.82 -28.94
CA PHE A 13 19.89 -12.59 -30.36
C PHE A 13 19.14 -11.38 -30.93
N LYS A 14 18.17 -10.86 -30.19
CA LYS A 14 17.41 -9.70 -30.64
C LYS A 14 18.28 -8.44 -30.59
N ARG A 15 19.34 -8.47 -29.78
CA ARG A 15 20.26 -7.34 -29.64
C ARG A 15 21.69 -7.87 -29.76
N PRO A 16 22.10 -8.27 -30.98
CA PRO A 16 23.44 -8.80 -31.22
C PRO A 16 24.63 -7.85 -31.09
N GLU A 17 24.38 -6.54 -31.12
CA GLU A 17 25.46 -5.57 -31.03
C GLU A 17 25.87 -5.13 -29.63
N VAL A 18 25.23 -5.66 -28.60
CA VAL A 18 25.56 -5.29 -27.23
C VAL A 18 25.77 -6.55 -26.37
N VAL A 19 26.33 -6.37 -25.18
CA VAL A 19 26.55 -7.50 -24.28
C VAL A 19 25.19 -7.90 -23.69
N THR A 20 24.81 -9.16 -23.89
CA THR A 20 23.53 -9.66 -23.41
C THR A 20 23.65 -10.79 -22.38
N MET A 21 24.86 -11.31 -22.19
CA MET A 21 25.08 -12.38 -21.24
C MET A 21 26.46 -12.20 -20.62
N THR A 22 26.55 -12.40 -19.30
CA THR A 22 27.82 -12.27 -18.61
C THR A 22 28.53 -13.61 -18.61
N LYS A 23 29.78 -13.62 -18.18
CA LYS A 23 30.56 -14.85 -18.14
C LYS A 23 29.99 -15.82 -17.11
N TRP A 24 29.17 -15.32 -16.19
CA TRP A 24 28.58 -16.18 -15.18
C TRP A 24 27.12 -16.51 -15.50
N LYS A 25 26.77 -16.33 -16.77
CA LYS A 25 25.45 -16.63 -17.30
C LYS A 25 24.28 -15.78 -16.85
N ALA A 26 24.54 -14.55 -16.43
CA ALA A 26 23.47 -13.66 -16.00
C ALA A 26 23.08 -12.84 -17.22
N PRO A 27 21.78 -12.66 -17.45
CA PRO A 27 21.34 -11.88 -18.60
C PRO A 27 21.48 -10.37 -18.38
N VAL A 28 21.77 -9.65 -19.46
CA VAL A 28 21.86 -8.20 -19.42
C VAL A 28 20.62 -7.82 -20.23
N VAL A 29 19.61 -7.29 -19.54
CA VAL A 29 18.34 -6.96 -20.17
C VAL A 29 18.31 -5.69 -20.99
N TRP A 30 18.18 -5.85 -22.32
CA TRP A 30 18.12 -4.74 -23.26
C TRP A 30 16.75 -4.73 -23.93
N GLU A 31 16.32 -3.55 -24.37
CA GLU A 31 15.04 -3.42 -25.06
C GLU A 31 15.07 -4.38 -26.26
N GLY A 32 14.03 -5.20 -26.38
CA GLY A 32 13.97 -6.15 -27.48
C GLY A 32 14.27 -7.59 -27.09
N THR A 33 15.04 -7.77 -26.03
CA THR A 33 15.42 -9.12 -25.58
C THR A 33 14.41 -9.77 -24.65
N TYR A 34 13.48 -8.99 -24.11
CA TYR A 34 12.53 -9.54 -23.15
C TYR A 34 11.09 -9.69 -23.65
N ASN A 35 10.44 -10.73 -23.14
CA ASN A 35 9.04 -11.02 -23.47
C ASN A 35 8.24 -10.75 -22.20
N ARG A 36 7.84 -9.50 -22.01
CA ARG A 36 7.10 -9.11 -20.82
C ARG A 36 5.76 -9.83 -20.65
N ALA A 37 5.09 -10.12 -21.76
CA ALA A 37 3.80 -10.80 -21.72
C ALA A 37 3.92 -12.14 -20.97
N VAL A 38 4.93 -12.92 -21.33
CA VAL A 38 5.17 -14.21 -20.70
C VAL A 38 5.43 -14.02 -19.20
N LEU A 39 6.28 -13.04 -18.87
CA LEU A 39 6.62 -12.77 -17.49
C LEU A 39 5.43 -12.24 -16.68
N ASP A 40 4.64 -11.36 -17.27
CA ASP A 40 3.48 -10.82 -16.56
C ASP A 40 2.52 -11.95 -16.17
N ASN A 41 2.31 -12.88 -17.08
CA ASN A 41 1.43 -14.01 -16.81
C ASN A 41 2.01 -14.87 -15.69
N TYR A 42 3.29 -15.19 -15.83
CA TYR A 42 3.99 -16.01 -14.84
C TYR A 42 3.92 -15.42 -13.44
N TYR A 43 4.31 -14.16 -13.30
CA TYR A 43 4.31 -13.50 -12.00
C TYR A 43 2.90 -13.22 -11.45
N ALA A 44 1.95 -12.98 -12.35
CA ALA A 44 0.58 -12.72 -11.92
C ALA A 44 0.02 -13.98 -11.27
N LYS A 45 0.36 -15.15 -11.82
CA LYS A 45 -0.11 -16.40 -11.27
C LYS A 45 0.47 -16.62 -9.88
N GLN A 46 1.65 -16.07 -9.64
CA GLN A 46 2.29 -16.22 -8.33
C GLN A 46 1.83 -15.11 -7.39
N LYS A 47 1.04 -14.18 -7.91
CA LYS A 47 0.53 -13.06 -7.12
C LYS A 47 1.66 -12.39 -6.37
N ILE A 48 2.63 -11.83 -7.10
CA ILE A 48 3.74 -11.16 -6.45
C ILE A 48 3.41 -9.72 -6.16
N THR A 49 4.20 -9.13 -5.26
CA THR A 49 4.07 -7.72 -4.89
C THR A 49 5.50 -7.20 -4.99
N VAL A 50 5.69 -6.02 -5.57
CA VAL A 50 7.02 -5.47 -5.72
C VAL A 50 7.15 -4.17 -4.94
N GLY A 51 8.25 -4.03 -4.21
CA GLY A 51 8.48 -2.84 -3.42
C GLY A 51 9.49 -1.91 -4.05
N LEU A 52 9.47 -0.65 -3.63
CA LEU A 52 10.39 0.34 -4.16
C LEU A 52 10.68 1.36 -3.06
N THR A 53 11.95 1.46 -2.66
CA THR A 53 12.34 2.41 -1.63
C THR A 53 12.96 3.63 -2.30
N VAL A 54 12.70 4.80 -1.73
CA VAL A 54 13.26 6.04 -2.26
C VAL A 54 13.41 7.01 -1.10
N PHE A 55 14.57 7.67 -1.06
CA PHE A 55 14.89 8.64 -0.02
C PHE A 55 14.89 10.05 -0.59
N ALA A 56 14.38 11.00 0.19
CA ALA A 56 14.36 12.41 -0.20
C ALA A 56 14.61 13.18 1.10
N VAL A 57 15.82 13.65 1.28
CA VAL A 57 16.20 14.41 2.47
C VAL A 57 16.61 15.82 2.05
N GLY A 58 16.10 16.82 2.75
CA GLY A 58 16.43 18.18 2.39
C GLY A 58 15.65 18.63 1.17
N ARG A 59 16.23 19.52 0.38
CA ARG A 59 15.57 20.06 -0.81
C ARG A 59 15.38 19.06 -1.93
N TYR A 60 15.89 17.84 -1.74
CA TYR A 60 15.71 16.80 -2.74
C TYR A 60 14.21 16.49 -2.77
N ILE A 61 13.53 16.78 -1.66
CA ILE A 61 12.10 16.54 -1.57
C ILE A 61 11.34 17.39 -2.60
N GLU A 62 11.49 18.72 -2.49
CA GLU A 62 10.81 19.63 -3.40
C GLU A 62 11.29 19.53 -4.85
N HIS A 63 12.56 19.24 -5.04
CA HIS A 63 13.11 19.14 -6.38
C HIS A 63 12.81 17.86 -7.16
N TYR A 64 12.76 16.73 -6.47
CA TYR A 64 12.57 15.46 -7.19
C TYR A 64 11.52 14.45 -6.76
N LEU A 65 11.06 14.52 -5.52
CA LEU A 65 10.12 13.49 -5.05
C LEU A 65 8.80 13.33 -5.80
N GLU A 66 8.11 14.43 -6.09
N GLU A 66 8.12 14.44 -6.08
CA GLU A 66 6.84 14.34 -6.78
CA GLU A 66 6.85 14.38 -6.78
C GLU A 66 7.01 13.75 -8.18
C GLU A 66 7.00 13.77 -8.17
N GLU A 67 7.98 14.26 -8.94
CA GLU A 67 8.21 13.75 -10.29
C GLU A 67 8.59 12.28 -10.27
N PHE A 68 9.35 11.88 -9.26
CA PHE A 68 9.76 10.49 -9.16
C PHE A 68 8.55 9.61 -8.89
N LEU A 69 7.77 9.99 -7.89
CA LEU A 69 6.59 9.20 -7.53
C LEU A 69 5.53 9.18 -8.61
N THR A 70 5.30 10.32 -9.24
CA THR A 70 4.30 10.40 -10.29
C THR A 70 4.67 9.51 -11.46
N SER A 71 5.95 9.50 -11.81
CA SER A 71 6.43 8.68 -12.93
C SER A 71 6.44 7.20 -12.56
N ALA A 72 6.75 6.88 -11.30
CA ALA A 72 6.78 5.49 -10.86
C ALA A 72 5.37 4.90 -10.87
N ASN A 73 4.39 5.69 -10.43
CA ASN A 73 3.01 5.24 -10.41
C ASN A 73 2.58 4.81 -11.81
N LYS A 74 2.98 5.58 -12.81
CA LYS A 74 2.61 5.31 -14.19
C LYS A 74 3.40 4.22 -14.91
N HIS A 75 4.67 4.02 -14.54
CA HIS A 75 5.53 3.07 -15.25
C HIS A 75 6.11 1.85 -14.55
N PHE A 76 6.18 1.87 -13.22
CA PHE A 76 6.77 0.78 -12.45
C PHE A 76 5.91 -0.45 -12.20
N MET A 77 6.31 -1.59 -12.77
CA MET A 77 5.60 -2.86 -12.58
C MET A 77 4.09 -2.78 -12.81
N VAL A 78 3.68 -2.11 -13.87
CA VAL A 78 2.26 -1.97 -14.16
C VAL A 78 1.61 -3.34 -14.30
N GLY A 79 0.45 -3.51 -13.65
CA GLY A 79 -0.26 -4.78 -13.71
C GLY A 79 -0.02 -5.64 -12.48
N HIS A 80 0.85 -5.18 -11.59
CA HIS A 80 1.17 -5.93 -10.38
C HIS A 80 1.11 -5.03 -9.15
N PRO A 81 0.78 -5.59 -7.98
CA PRO A 81 0.71 -4.82 -6.75
C PRO A 81 2.08 -4.24 -6.42
N VAL A 82 2.11 -2.94 -6.12
CA VAL A 82 3.36 -2.27 -5.80
C VAL A 82 3.22 -1.43 -4.53
N ILE A 83 4.27 -1.38 -3.73
CA ILE A 83 4.26 -0.57 -2.52
C ILE A 83 5.47 0.35 -2.57
N PHE A 84 5.22 1.65 -2.46
CA PHE A 84 6.30 2.62 -2.46
C PHE A 84 6.64 2.93 -1.01
N TYR A 85 7.93 2.80 -0.66
CA TYR A 85 8.40 3.09 0.69
C TYR A 85 9.16 4.40 0.58
N ILE A 86 8.60 5.46 1.17
CA ILE A 86 9.19 6.77 1.08
C ILE A 86 9.85 7.21 2.39
N MET A 87 11.15 7.49 2.34
CA MET A 87 11.90 7.93 3.50
C MET A 87 12.27 9.41 3.35
N VAL A 88 11.70 10.25 4.23
CA VAL A 88 11.99 11.68 4.19
C VAL A 88 12.31 12.18 5.60
N ASP A 89 12.99 13.33 5.69
CA ASP A 89 13.34 13.87 7.00
C ASP A 89 12.26 14.80 7.53
N ASP A 90 11.37 15.23 6.65
CA ASP A 90 10.28 16.13 7.02
C ASP A 90 9.02 15.67 6.30
N VAL A 91 8.14 14.97 7.01
CA VAL A 91 6.91 14.46 6.41
C VAL A 91 5.91 15.53 5.98
N SER A 92 5.99 16.71 6.57
CA SER A 92 5.07 17.78 6.21
C SER A 92 5.32 18.31 4.80
N ARG A 93 6.47 17.97 4.22
CA ARG A 93 6.80 18.42 2.87
C ARG A 93 6.59 17.30 1.84
N MET A 94 6.07 16.17 2.31
CA MET A 94 5.80 15.00 1.49
C MET A 94 4.70 15.27 0.44
N PRO A 95 5.05 15.18 -0.85
CA PRO A 95 4.04 15.41 -1.89
C PRO A 95 3.07 14.23 -1.94
N LEU A 96 1.82 14.45 -1.55
CA LEU A 96 0.82 13.39 -1.57
C LEU A 96 0.08 13.37 -2.90
N ILE A 97 0.59 12.59 -3.85
CA ILE A 97 -0.03 12.49 -5.17
C ILE A 97 -1.09 11.40 -5.17
N GLU A 98 -1.91 11.40 -6.21
CA GLU A 98 -2.93 10.38 -6.33
C GLU A 98 -2.26 9.17 -6.98
N LEU A 99 -2.48 7.99 -6.41
CA LEU A 99 -1.89 6.77 -6.95
C LEU A 99 -2.94 6.01 -7.74
N GLY A 100 -2.47 5.21 -8.70
CA GLY A 100 -3.38 4.45 -9.53
C GLY A 100 -3.61 3.03 -9.06
N PRO A 101 -4.34 2.23 -9.84
CA PRO A 101 -4.65 0.83 -9.53
C PRO A 101 -3.40 0.04 -9.18
N LEU A 102 -3.50 -0.78 -8.14
CA LEU A 102 -2.39 -1.62 -7.70
C LEU A 102 -1.19 -0.91 -7.10
N ARG A 103 -1.34 0.38 -6.80
CA ARG A 103 -0.27 1.14 -6.17
C ARG A 103 -0.73 1.61 -4.80
N SER A 104 0.18 1.59 -3.83
CA SER A 104 -0.12 2.08 -2.49
C SER A 104 1.24 2.47 -1.91
N PHE A 105 1.24 3.09 -0.74
CA PHE A 105 2.52 3.51 -0.17
C PHE A 105 2.44 3.74 1.32
N LYS A 106 3.59 4.08 1.89
CA LYS A 106 3.71 4.45 3.29
C LYS A 106 4.98 5.28 3.43
N VAL A 107 4.94 6.24 4.35
CA VAL A 107 6.05 7.15 4.55
C VAL A 107 6.64 7.02 5.94
N PHE A 108 7.96 7.20 6.01
CA PHE A 108 8.68 7.12 7.28
C PHE A 108 9.54 8.37 7.45
N LYS A 109 9.61 8.87 8.68
CA LYS A 109 10.43 10.03 8.97
C LYS A 109 11.79 9.50 9.41
N ILE A 110 12.85 10.01 8.79
CA ILE A 110 14.20 9.57 9.15
C ILE A 110 15.03 10.77 9.57
N LYS A 111 16.13 10.50 10.23
CA LYS A 111 17.04 11.56 10.68
C LYS A 111 17.90 12.05 9.53
N PRO A 112 18.02 13.37 9.37
CA PRO A 112 18.84 13.90 8.28
C PRO A 112 20.31 13.93 8.71
N GLU A 113 21.18 13.24 7.99
CA GLU A 113 22.59 13.24 8.34
C GLU A 113 23.13 14.61 7.92
N LYS A 114 24.14 15.09 8.63
CA LYS A 114 24.71 16.41 8.35
C LYS A 114 25.39 16.56 6.99
N ARG A 115 26.13 15.53 6.57
CA ARG A 115 26.81 15.57 5.28
C ARG A 115 26.00 14.81 4.23
N TRP A 116 25.86 15.38 3.04
CA TRP A 116 25.10 14.71 1.99
C TRP A 116 25.70 13.33 1.69
N GLN A 117 27.02 13.21 1.83
CA GLN A 117 27.68 11.94 1.58
C GLN A 117 27.15 10.86 2.53
N ASP A 118 26.87 11.25 3.77
CA ASP A 118 26.35 10.30 4.75
C ASP A 118 24.86 10.07 4.54
N ILE A 119 24.17 11.06 3.96
CA ILE A 119 22.76 10.90 3.70
C ILE A 119 22.66 9.78 2.67
N SER A 120 23.50 9.86 1.65
CA SER A 120 23.50 8.85 0.59
C SER A 120 23.93 7.48 1.10
N MET A 121 24.99 7.44 1.91
CA MET A 121 25.48 6.17 2.42
C MET A 121 24.62 5.52 3.51
N MET A 122 24.03 6.33 4.38
CA MET A 122 23.19 5.79 5.44
C MET A 122 21.99 5.02 4.91
N ARG A 123 21.62 5.26 3.66
CA ARG A 123 20.49 4.54 3.07
C ARG A 123 20.70 3.04 3.22
N MET A 124 21.95 2.60 3.08
CA MET A 124 22.25 1.18 3.19
C MET A 124 21.83 0.61 4.56
N LYS A 125 22.10 1.35 5.62
CA LYS A 125 21.74 0.93 6.97
C LYS A 125 20.21 0.91 7.14
N THR A 126 19.58 2.02 6.76
CA THR A 126 18.13 2.17 6.87
C THR A 126 17.34 1.14 6.07
N ILE A 127 17.73 0.89 4.82
CA ILE A 127 17.03 -0.08 4.00
C ILE A 127 17.04 -1.44 4.69
N GLY A 128 18.22 -1.85 5.17
CA GLY A 128 18.34 -3.12 5.84
C GLY A 128 17.40 -3.24 7.03
N GLU A 129 17.32 -2.19 7.84
CA GLU A 129 16.47 -2.20 9.02
C GLU A 129 15.01 -2.39 8.61
N HIS A 130 14.59 -1.68 7.56
CA HIS A 130 13.22 -1.79 7.09
C HIS A 130 12.93 -3.15 6.47
N ILE A 131 13.92 -3.74 5.80
CA ILE A 131 13.68 -5.06 5.21
C ILE A 131 13.37 -6.04 6.34
N VAL A 132 14.16 -5.99 7.41
CA VAL A 132 13.94 -6.89 8.53
C VAL A 132 12.64 -6.59 9.26
N ALA A 133 12.36 -5.31 9.48
CA ALA A 133 11.15 -4.91 10.19
C ALA A 133 9.84 -5.19 9.45
N HIS A 134 9.79 -4.95 8.15
CA HIS A 134 8.54 -5.17 7.43
C HIS A 134 8.59 -5.57 5.97
N ILE A 135 9.51 -4.99 5.20
CA ILE A 135 9.56 -5.29 3.77
C ILE A 135 9.65 -6.78 3.43
N GLN A 136 10.42 -7.54 4.20
CA GLN A 136 10.55 -8.97 3.91
C GLN A 136 9.21 -9.70 3.96
N HIS A 137 8.28 -9.16 4.75
CA HIS A 137 6.95 -9.76 4.90
C HIS A 137 5.93 -9.19 3.91
N GLU A 138 6.31 -8.13 3.20
CA GLU A 138 5.38 -7.46 2.30
C GLU A 138 5.57 -7.62 0.80
N VAL A 139 6.79 -7.88 0.35
CA VAL A 139 7.05 -8.00 -1.08
C VAL A 139 7.90 -9.20 -1.45
N ASP A 140 7.85 -9.56 -2.73
CA ASP A 140 8.62 -10.68 -3.26
C ASP A 140 9.95 -10.17 -3.82
N PHE A 141 9.92 -8.94 -4.32
CA PHE A 141 11.11 -8.30 -4.88
C PHE A 141 11.10 -6.85 -4.44
N LEU A 142 12.29 -6.26 -4.35
CA LEU A 142 12.42 -4.89 -3.94
C LEU A 142 13.49 -4.16 -4.75
N PHE A 143 13.19 -2.93 -5.13
CA PHE A 143 14.15 -2.11 -5.84
C PHE A 143 14.42 -0.92 -4.94
N CYS A 144 15.66 -0.46 -4.94
CA CYS A 144 16.08 0.68 -4.12
C CYS A 144 16.61 1.71 -5.12
N MET A 145 16.00 2.89 -5.15
CA MET A 145 16.42 3.88 -6.12
C MET A 145 16.68 5.29 -5.61
N ASP A 146 17.49 6.00 -6.39
CA ASP A 146 17.81 7.40 -6.16
C ASP A 146 16.52 8.14 -6.50
N VAL A 147 16.32 9.31 -5.91
CA VAL A 147 15.11 10.08 -6.19
C VAL A 147 15.32 11.06 -7.36
N ASP A 148 16.58 11.38 -7.65
CA ASP A 148 16.90 12.34 -8.72
C ASP A 148 16.87 11.76 -10.14
N GLN A 149 15.76 11.12 -10.48
CA GLN A 149 15.57 10.53 -11.79
C GLN A 149 14.07 10.38 -12.03
N VAL A 150 13.68 10.08 -13.27
CA VAL A 150 12.26 9.96 -13.59
C VAL A 150 11.98 8.80 -14.55
N PHE A 151 10.92 8.04 -14.30
CA PHE A 151 10.56 6.93 -15.18
C PHE A 151 10.03 7.52 -16.49
N GLN A 152 10.46 6.96 -17.62
CA GLN A 152 10.03 7.46 -18.92
C GLN A 152 9.16 6.46 -19.68
N ASP A 153 9.27 5.18 -19.32
CA ASP A 153 8.47 4.16 -19.98
C ASP A 153 8.39 2.94 -19.08
N LYS A 154 7.69 1.91 -19.53
CA LYS A 154 7.52 0.71 -18.71
C LYS A 154 8.80 0.10 -18.17
N PHE A 155 8.82 -0.04 -16.84
CA PHE A 155 9.94 -0.61 -16.09
C PHE A 155 9.26 -1.78 -15.40
N GLY A 156 9.16 -2.91 -16.11
CA GLY A 156 8.44 -4.05 -15.58
C GLY A 156 9.12 -5.28 -15.02
N VAL A 157 8.35 -6.37 -14.96
CA VAL A 157 8.81 -7.63 -14.41
C VAL A 157 10.03 -8.22 -15.08
N GLU A 158 10.38 -7.74 -16.27
CA GLU A 158 11.56 -8.23 -16.95
C GLU A 158 12.82 -7.87 -16.17
N THR A 159 12.68 -6.94 -15.23
CA THR A 159 13.84 -6.51 -14.42
C THR A 159 14.00 -7.26 -13.10
N LEU A 160 13.04 -8.11 -12.75
CA LEU A 160 13.08 -8.85 -11.49
C LEU A 160 14.11 -9.98 -11.46
N GLY A 161 14.65 -10.25 -10.27
CA GLY A 161 15.63 -11.32 -10.10
C GLY A 161 16.13 -11.40 -8.67
N GLU A 162 16.95 -12.42 -8.38
CA GLU A 162 17.50 -12.60 -7.04
C GLU A 162 18.28 -11.36 -6.61
N SER A 163 19.20 -10.93 -7.47
N SER A 163 19.18 -10.93 -7.49
CA SER A 163 19.99 -9.72 -7.23
CA SER A 163 20.00 -9.75 -7.27
C SER A 163 20.14 -9.00 -8.57
C SER A 163 20.11 -9.01 -8.60
N VAL A 164 19.71 -7.74 -8.61
CA VAL A 164 19.74 -6.96 -9.85
C VAL A 164 20.62 -5.71 -9.78
N ALA A 165 21.49 -5.56 -10.77
CA ALA A 165 22.38 -4.42 -10.85
C ALA A 165 22.08 -3.61 -12.09
N GLN A 166 22.46 -2.33 -12.05
CA GLN A 166 22.24 -1.40 -13.16
C GLN A 166 23.57 -1.01 -13.83
N LEU A 167 23.66 -1.16 -15.15
CA LEU A 167 24.88 -0.77 -15.85
C LEU A 167 24.88 0.75 -15.92
N GLN A 168 25.96 1.38 -15.48
CA GLN A 168 26.04 2.84 -15.49
C GLN A 168 26.17 3.35 -16.92
N ALA A 169 25.39 4.37 -17.25
CA ALA A 169 25.34 4.95 -18.59
C ALA A 169 26.64 5.40 -19.27
N TRP A 170 27.57 5.96 -18.50
N TRP A 170 27.57 5.96 -18.50
CA TRP A 170 28.82 6.44 -19.07
CA TRP A 170 28.82 6.46 -19.08
C TRP A 170 29.85 5.37 -19.37
C TRP A 170 29.91 5.43 -19.31
N TRP A 171 29.91 4.33 -18.54
CA TRP A 171 30.92 3.30 -18.69
C TRP A 171 30.54 1.93 -19.21
N TYR A 172 29.32 1.77 -19.73
CA TYR A 172 28.91 0.45 -20.18
C TYR A 172 29.75 -0.15 -21.31
N LYS A 173 30.44 0.67 -22.10
CA LYS A 173 31.26 0.15 -23.19
C LYS A 173 32.75 0.26 -22.91
N ALA A 174 33.11 0.79 -21.73
CA ALA A 174 34.50 0.97 -21.36
C ALA A 174 35.16 -0.28 -20.80
N ASP A 175 36.49 -0.28 -20.78
CA ASP A 175 37.25 -1.39 -20.24
C ASP A 175 37.37 -1.17 -18.73
N PRO A 176 37.50 -2.25 -17.96
CA PRO A 176 37.62 -2.17 -16.49
C PRO A 176 38.60 -1.14 -15.95
N ASN A 177 39.77 -1.00 -16.59
CA ASN A 177 40.74 -0.04 -16.10
C ASN A 177 40.32 1.42 -16.22
N ASP A 178 39.20 1.67 -16.89
CA ASP A 178 38.69 3.03 -17.03
C ASP A 178 37.56 3.27 -16.02
N PHE A 179 37.06 2.18 -15.42
CA PHE A 179 35.98 2.28 -14.42
C PHE A 179 36.43 3.10 -13.23
N THR A 180 35.53 3.91 -12.69
CA THR A 180 35.85 4.74 -11.54
C THR A 180 35.65 4.03 -10.20
N TYR A 181 36.26 2.85 -10.07
CA TYR A 181 36.21 2.08 -8.82
C TYR A 181 37.09 2.81 -7.82
N GLU A 182 36.92 2.50 -6.54
CA GLU A 182 37.78 3.09 -5.51
C GLU A 182 39.10 2.34 -5.72
N ARG A 183 40.20 3.06 -5.88
CA ARG A 183 41.49 2.41 -6.13
C ARG A 183 42.51 2.42 -4.99
N ARG A 184 42.13 2.93 -3.83
CA ARG A 184 43.02 2.96 -2.68
C ARG A 184 42.82 1.69 -1.85
N LYS A 185 43.88 0.90 -1.69
CA LYS A 185 43.78 -0.35 -0.94
C LYS A 185 43.35 -0.20 0.52
N GLU A 186 43.40 1.02 1.04
CA GLU A 186 43.01 1.28 2.42
C GLU A 186 41.50 1.23 2.62
N SER A 187 40.74 1.32 1.52
CA SER A 187 39.28 1.29 1.59
C SER A 187 38.72 -0.11 1.41
N ALA A 188 37.61 -0.38 2.08
CA ALA A 188 36.94 -1.67 1.98
C ALA A 188 36.35 -1.84 0.57
N ALA A 189 36.19 -0.72 -0.12
CA ALA A 189 35.62 -0.72 -1.47
C ALA A 189 36.66 -0.92 -2.58
N TYR A 190 37.92 -1.06 -2.19
CA TYR A 190 39.01 -1.24 -3.13
C TYR A 190 38.87 -2.37 -4.16
N ILE A 191 39.12 -2.03 -5.42
CA ILE A 191 39.09 -2.99 -6.52
C ILE A 191 40.37 -2.71 -7.31
N PRO A 192 41.32 -3.65 -7.32
CA PRO A 192 42.59 -3.51 -8.04
C PRO A 192 42.44 -3.40 -9.54
N PHE A 193 43.34 -2.65 -10.18
CA PHE A 193 43.30 -2.57 -11.63
C PHE A 193 43.51 -4.01 -12.06
N GLY A 194 42.85 -4.42 -13.13
CA GLY A 194 42.99 -5.79 -13.59
C GLY A 194 41.81 -6.64 -13.13
N GLU A 195 40.93 -6.06 -12.33
CA GLU A 195 39.75 -6.77 -11.83
C GLU A 195 38.50 -5.96 -12.12
N GLY A 196 37.34 -6.63 -12.09
CA GLY A 196 36.09 -5.93 -12.33
C GLY A 196 35.39 -6.42 -13.60
N ASP A 197 34.06 -6.51 -13.53
CA ASP A 197 33.26 -6.95 -14.66
C ASP A 197 32.58 -5.78 -15.37
N PHE A 198 31.90 -4.95 -14.58
CA PHE A 198 31.20 -3.77 -15.11
C PHE A 198 31.20 -2.69 -14.05
N TYR A 199 30.78 -1.49 -14.42
CA TYR A 199 30.68 -0.43 -13.44
C TYR A 199 29.18 -0.24 -13.24
N TYR A 200 28.71 -0.62 -12.05
CA TYR A 200 27.31 -0.51 -11.71
C TYR A 200 26.94 0.83 -11.09
N HIS A 201 25.77 1.33 -11.46
CA HIS A 201 25.25 2.60 -10.98
C HIS A 201 24.48 2.35 -9.67
N ALA A 202 24.79 3.12 -8.63
CA ALA A 202 24.10 2.95 -7.35
C ALA A 202 22.70 3.54 -7.33
N ALA A 203 22.31 4.21 -8.42
CA ALA A 203 20.99 4.82 -8.51
C ALA A 203 19.86 3.79 -8.57
N ILE A 204 20.21 2.56 -8.95
CA ILE A 204 19.22 1.49 -9.04
C ILE A 204 19.83 0.12 -8.75
N PHE A 205 19.21 -0.60 -7.81
CA PHE A 205 19.64 -1.96 -7.51
C PHE A 205 18.47 -2.66 -6.81
N GLY A 206 18.43 -3.98 -6.87
CA GLY A 206 17.32 -4.67 -6.23
C GLY A 206 17.49 -6.17 -6.21
N GLY A 207 16.39 -6.86 -5.94
CA GLY A 207 16.40 -8.32 -5.88
C GLY A 207 15.39 -8.75 -4.84
N THR A 208 15.50 -9.98 -4.33
CA THR A 208 14.59 -10.44 -3.29
C THR A 208 14.98 -9.72 -2.01
N PRO A 209 14.05 -9.59 -1.05
CA PRO A 209 14.39 -8.91 0.21
C PRO A 209 15.63 -9.51 0.88
N THR A 210 15.77 -10.83 0.77
CA THR A 210 16.90 -11.53 1.36
C THR A 210 18.22 -11.04 0.75
N GLN A 211 18.27 -10.98 -0.58
CA GLN A 211 19.48 -10.55 -1.26
C GLN A 211 19.79 -9.07 -1.02
N VAL A 212 18.76 -8.23 -1.11
CA VAL A 212 18.98 -6.80 -0.90
C VAL A 212 19.46 -6.54 0.53
N LEU A 213 18.97 -7.33 1.48
CA LEU A 213 19.41 -7.17 2.87
C LEU A 213 20.91 -7.43 2.93
N ASN A 214 21.38 -8.45 2.21
CA ASN A 214 22.81 -8.75 2.22
C ASN A 214 23.60 -7.66 1.50
N ILE A 215 23.06 -7.18 0.38
CA ILE A 215 23.72 -6.11 -0.38
C ILE A 215 23.92 -4.91 0.53
N THR A 216 22.82 -4.45 1.14
CA THR A 216 22.87 -3.29 2.00
C THR A 216 23.71 -3.49 3.27
N GLN A 217 23.60 -4.66 3.88
CA GLN A 217 24.36 -4.96 5.08
C GLN A 217 25.87 -4.96 4.82
N GLU A 218 26.27 -5.61 3.73
CA GLU A 218 27.69 -5.68 3.41
C GLU A 218 28.23 -4.31 3.03
N CYS A 219 27.47 -3.56 2.24
CA CYS A 219 27.91 -2.24 1.85
C CYS A 219 28.07 -1.35 3.08
N PHE A 220 27.10 -1.39 3.98
CA PHE A 220 27.21 -0.56 5.17
C PHE A 220 28.37 -0.96 6.08
N LYS A 221 28.69 -2.25 6.12
CA LYS A 221 29.82 -2.70 6.95
C LYS A 221 31.11 -2.08 6.38
N GLY A 222 31.19 -2.01 5.05
CA GLY A 222 32.38 -1.43 4.42
C GLY A 222 32.46 0.06 4.69
N ILE A 223 31.31 0.72 4.66
CA ILE A 223 31.22 2.15 4.91
C ILE A 223 31.69 2.48 6.32
N LEU A 224 31.26 1.67 7.30
CA LEU A 224 31.65 1.87 8.68
C LEU A 224 33.12 1.55 8.89
N LYS A 225 33.61 0.52 8.19
CA LYS A 225 35.01 0.13 8.30
C LYS A 225 35.90 1.26 7.82
N ASP A 226 35.54 1.86 6.68
CA ASP A 226 36.31 2.96 6.14
C ASP A 226 36.36 4.11 7.14
N LYS A 227 35.24 4.39 7.79
CA LYS A 227 35.19 5.46 8.77
C LYS A 227 36.20 5.24 9.90
N LYS A 228 36.36 3.99 10.32
CA LYS A 228 37.31 3.68 11.38
C LYS A 228 38.73 3.81 10.88
N ASN A 229 38.91 3.77 9.56
CA ASN A 229 40.23 3.89 8.97
C ASN A 229 40.45 5.27 8.37
N ASP A 230 39.61 6.21 8.76
CA ASP A 230 39.70 7.60 8.29
C ASP A 230 39.85 7.72 6.78
N ILE A 231 38.96 7.03 6.05
CA ILE A 231 38.98 7.10 4.60
C ILE A 231 37.53 7.04 4.11
N GLU A 232 37.25 7.71 3.01
CA GLU A 232 35.90 7.70 2.46
C GLU A 232 35.98 7.43 0.96
N ALA A 233 35.32 6.35 0.53
CA ALA A 233 35.33 5.94 -0.87
C ALA A 233 35.05 7.09 -1.82
N GLN A 234 35.75 7.09 -2.95
N GLN A 234 35.75 7.07 -2.96
CA GLN A 234 35.62 8.13 -3.97
CA GLN A 234 35.63 8.10 -4.00
C GLN A 234 34.16 8.38 -4.35
C GLN A 234 34.18 8.37 -4.36
N TRP A 235 33.43 7.31 -4.61
CA TRP A 235 32.02 7.44 -4.98
C TRP A 235 31.05 6.88 -3.96
N HIS A 236 31.48 6.98 -2.70
CA HIS A 236 30.68 6.59 -1.55
C HIS A 236 29.99 5.24 -1.67
N ASP A 237 28.69 5.19 -1.39
CA ASP A 237 27.99 3.91 -1.43
C ASP A 237 28.14 3.18 -2.76
N GLU A 238 28.30 3.94 -3.85
CA GLU A 238 28.45 3.33 -5.17
C GLU A 238 29.75 2.55 -5.28
N SER A 239 30.81 3.07 -4.66
CA SER A 239 32.09 2.38 -4.71
C SER A 239 31.94 1.04 -3.99
N HIS A 240 31.23 1.06 -2.86
CA HIS A 240 31.01 -0.14 -2.07
C HIS A 240 30.09 -1.10 -2.80
N LEU A 241 29.07 -0.57 -3.47
CA LEU A 241 28.15 -1.41 -4.21
C LEU A 241 28.89 -2.16 -5.31
N ASN A 242 29.82 -1.48 -5.96
CA ASN A 242 30.59 -2.13 -7.02
C ASN A 242 31.51 -3.21 -6.47
N LYS A 243 32.02 -3.00 -5.26
CA LYS A 243 32.88 -4.01 -4.64
C LYS A 243 32.03 -5.23 -4.32
N TYR A 244 30.83 -4.98 -3.78
CA TYR A 244 29.94 -6.08 -3.44
C TYR A 244 29.58 -6.93 -4.65
N PHE A 245 29.16 -6.28 -5.74
CA PHE A 245 28.78 -7.00 -6.95
C PHE A 245 29.96 -7.70 -7.63
N LEU A 246 31.18 -7.30 -7.31
CA LEU A 246 32.35 -7.96 -7.89
C LEU A 246 32.48 -9.32 -7.18
N LEU A 247 32.28 -9.31 -5.86
CA LEU A 247 32.38 -10.52 -5.04
C LEU A 247 31.14 -11.40 -5.13
N ASN A 248 29.96 -10.78 -5.15
CA ASN A 248 28.69 -11.49 -5.23
C ASN A 248 28.03 -11.02 -6.51
N LYS A 249 28.36 -11.67 -7.62
CA LYS A 249 27.83 -11.26 -8.92
C LYS A 249 26.30 -11.30 -9.02
N PRO A 250 25.73 -10.23 -9.60
CA PRO A 250 24.28 -10.10 -9.78
C PRO A 250 23.73 -11.18 -10.69
N THR A 251 22.51 -11.64 -10.41
CA THR A 251 21.90 -12.68 -11.22
C THR A 251 21.24 -12.05 -12.45
N LYS A 252 21.15 -10.72 -12.45
CA LYS A 252 20.55 -9.99 -13.57
C LYS A 252 21.10 -8.57 -13.61
N ILE A 253 21.36 -8.09 -14.83
CA ILE A 253 21.88 -6.74 -15.03
C ILE A 253 20.95 -6.00 -16.00
N LEU A 254 20.70 -4.72 -15.72
CA LEU A 254 19.83 -3.92 -16.59
C LEU A 254 20.69 -3.02 -17.48
N SER A 255 20.33 -2.92 -18.76
CA SER A 255 21.10 -2.08 -19.69
C SER A 255 20.91 -0.62 -19.28
N PRO A 256 21.73 0.29 -19.82
CA PRO A 256 21.67 1.72 -19.52
C PRO A 256 20.33 2.33 -19.96
N GLU A 257 19.55 1.57 -20.72
CA GLU A 257 18.25 2.05 -21.17
C GLU A 257 17.36 2.21 -19.94
N TYR A 258 17.69 1.47 -18.87
CA TYR A 258 16.90 1.53 -17.64
C TYR A 258 17.34 2.63 -16.68
N CYS A 259 18.37 3.38 -17.05
CA CYS A 259 18.87 4.49 -16.24
C CYS A 259 19.80 5.32 -17.12
N TRP A 260 19.20 6.07 -18.04
CA TRP A 260 19.95 6.85 -19.00
C TRP A 260 20.19 8.34 -18.71
N ASP A 261 21.36 8.82 -19.11
CA ASP A 261 21.74 10.22 -18.95
C ASP A 261 21.63 10.89 -20.31
N TYR A 262 20.56 11.65 -20.53
CA TYR A 262 20.37 12.33 -21.81
C TYR A 262 21.46 13.34 -22.15
N HIS A 263 22.31 13.68 -21.18
CA HIS A 263 23.39 14.61 -21.46
C HIS A 263 24.35 13.99 -22.48
N ILE A 264 24.35 12.66 -22.54
CA ILE A 264 25.19 11.91 -23.47
C ILE A 264 24.60 11.97 -24.87
N GLY A 265 23.29 12.20 -24.93
CA GLY A 265 22.59 12.24 -26.20
C GLY A 265 21.80 10.94 -26.24
N LEU A 266 21.55 10.41 -27.44
CA LEU A 266 20.82 9.16 -27.55
C LEU A 266 21.44 8.35 -28.68
N PRO A 267 22.48 7.59 -28.37
CA PRO A 267 23.19 6.76 -29.35
C PRO A 267 22.34 5.59 -29.82
N ALA A 268 22.83 4.85 -30.82
CA ALA A 268 22.10 3.73 -31.38
C ALA A 268 21.72 2.61 -30.39
N ASP A 269 22.60 2.31 -29.45
CA ASP A 269 22.36 1.25 -28.47
C ASP A 269 21.17 1.47 -27.55
N ILE A 270 20.82 2.73 -27.30
CA ILE A 270 19.71 3.05 -26.40
C ILE A 270 18.41 3.16 -27.19
N LYS A 271 17.72 2.04 -27.34
CA LYS A 271 16.49 1.96 -28.13
C LYS A 271 15.23 2.58 -27.51
N LEU A 272 14.99 2.32 -26.22
CA LEU A 272 13.82 2.84 -25.53
C LEU A 272 14.18 3.09 -24.07
N VAL A 273 14.26 4.37 -23.70
CA VAL A 273 14.62 4.75 -22.34
C VAL A 273 13.48 4.52 -21.35
N LYS A 274 13.78 3.80 -20.27
CA LYS A 274 12.77 3.52 -19.24
C LYS A 274 12.91 4.47 -18.06
N MET A 275 14.09 5.05 -17.89
CA MET A 275 14.35 5.97 -16.78
C MET A 275 15.48 6.92 -17.19
N SER A 276 15.35 8.19 -16.82
CA SER A 276 16.38 9.16 -17.14
C SER A 276 16.84 9.95 -15.92
N TRP A 277 18.09 10.38 -15.95
CA TRP A 277 18.67 11.16 -14.86
C TRP A 277 18.10 12.57 -14.84
N GLN A 278 18.01 13.17 -13.67
CA GLN A 278 17.56 14.56 -13.55
C GLN A 278 18.85 15.35 -13.62
N THR A 279 18.80 16.54 -14.21
CA THR A 279 19.99 17.37 -14.28
C THR A 279 20.43 17.64 -12.84
N LYS A 280 21.73 17.72 -12.60
CA LYS A 280 22.23 17.96 -11.24
C LYS A 280 22.00 19.41 -10.82
N GLU A 281 21.71 19.61 -9.54
CA GLU A 281 21.44 20.95 -8.99
C GLU A 281 22.04 21.05 -7.60
N TYR A 282 23.26 20.58 -7.46
CA TYR A 282 23.97 20.56 -6.18
C TYR A 282 24.00 21.89 -5.42
N ASN A 283 24.15 23.00 -6.14
CA ASN A 283 24.20 24.32 -5.49
C ASN A 283 22.98 24.53 -4.60
N VAL A 284 21.86 23.94 -5.00
CA VAL A 284 20.63 24.08 -4.22
C VAL A 284 20.33 22.92 -3.28
N VAL A 285 20.31 21.70 -3.81
CA VAL A 285 19.97 20.53 -3.01
C VAL A 285 20.99 20.04 -1.98
N ARG A 286 22.26 20.41 -2.14
CA ARG A 286 23.28 19.98 -1.19
C ARG A 286 23.76 21.19 -0.37
N ASN A 287 24.22 20.93 0.86
CA ASN A 287 24.68 22.01 1.73
C ASN A 287 26.13 21.93 2.18
N ASN A 288 26.91 21.03 1.60
CA ASN A 288 28.32 20.90 1.98
C ASN A 288 29.18 20.35 0.86
N VAL A 289 30.50 20.54 1.01
CA VAL A 289 31.50 20.08 0.05
C VAL A 289 30.97 19.89 -1.38
N LYS B 3 -13.14 -23.74 0.61
CA LYS B 3 -13.34 -25.02 1.34
C LYS B 3 -13.72 -24.75 2.79
N LEU B 4 -13.56 -23.50 3.21
CA LEU B 4 -13.88 -23.10 4.59
C LEU B 4 -15.35 -23.34 4.89
N LYS B 5 -15.61 -23.95 6.05
CA LYS B 5 -16.98 -24.23 6.48
C LYS B 5 -17.21 -23.45 7.78
N LEU B 6 -18.44 -23.01 8.00
CA LEU B 6 -18.78 -22.24 9.19
C LEU B 6 -18.30 -22.89 10.49
N SER B 7 -18.56 -24.19 10.64
CA SER B 7 -18.17 -24.92 11.85
C SER B 7 -16.66 -24.95 12.08
N ASP B 8 -15.88 -24.69 11.04
CA ASP B 8 -14.42 -24.67 11.14
C ASP B 8 -13.93 -23.57 12.08
N TRP B 9 -14.66 -22.46 12.13
CA TRP B 9 -14.26 -21.32 12.94
C TRP B 9 -15.33 -20.73 13.85
N PHE B 10 -16.58 -21.11 13.64
CA PHE B 10 -17.67 -20.55 14.42
C PHE B 10 -18.38 -21.58 15.31
N ASN B 11 -18.47 -21.27 16.60
CA ASN B 11 -19.13 -22.13 17.57
C ASN B 11 -20.09 -21.25 18.37
N PRO B 12 -21.37 -21.22 17.97
CA PRO B 12 -22.39 -20.41 18.64
C PRO B 12 -22.67 -20.78 20.10
N PHE B 13 -22.40 -22.04 20.45
CA PHE B 13 -22.66 -22.50 21.81
C PHE B 13 -21.76 -21.87 22.86
N LYS B 14 -20.74 -21.14 22.42
CA LYS B 14 -19.84 -20.47 23.35
C LYS B 14 -20.51 -19.21 23.91
N ARG B 15 -21.57 -18.76 23.25
CA ARG B 15 -22.32 -17.58 23.67
C ARG B 15 -23.81 -17.89 23.55
N PRO B 16 -24.33 -18.73 24.46
CA PRO B 16 -25.74 -19.13 24.47
C PRO B 16 -26.75 -18.06 24.90
N GLU B 17 -26.26 -16.98 25.50
CA GLU B 17 -27.15 -15.93 25.99
C GLU B 17 -27.48 -14.82 24.98
N VAL B 18 -26.94 -14.91 23.77
CA VAL B 18 -27.19 -13.91 22.75
C VAL B 18 -27.55 -14.59 21.42
N VAL B 19 -28.03 -13.80 20.46
CA VAL B 19 -28.38 -14.35 19.15
C VAL B 19 -27.09 -14.62 18.39
N THR B 20 -26.87 -15.87 18.00
CA THR B 20 -25.66 -16.25 17.28
C THR B 20 -25.90 -16.73 15.85
N MET B 21 -27.16 -16.99 15.52
CA MET B 21 -27.51 -17.44 14.17
C MET B 21 -28.82 -16.79 13.73
N THR B 22 -28.86 -16.32 12.49
CA THR B 22 -30.07 -15.69 11.95
C THR B 22 -31.00 -16.75 11.36
N LYS B 23 -32.21 -16.33 11.02
CA LYS B 23 -33.19 -17.25 10.43
C LYS B 23 -32.69 -17.80 9.10
N TRP B 24 -31.79 -17.06 8.44
CA TRP B 24 -31.25 -17.51 7.17
C TRP B 24 -29.86 -18.15 7.27
N LYS B 25 -29.54 -18.63 8.47
CA LYS B 25 -28.28 -19.33 8.73
C LYS B 25 -27.00 -18.51 8.67
N ALA B 26 -27.10 -17.19 8.85
CA ALA B 26 -25.92 -16.34 8.84
C ALA B 26 -25.44 -16.23 10.29
N PRO B 27 -24.12 -16.28 10.51
CA PRO B 27 -23.63 -16.17 11.88
C PRO B 27 -23.58 -14.74 12.40
N VAL B 28 -23.77 -14.58 13.69
CA VAL B 28 -23.69 -13.28 14.35
C VAL B 28 -22.43 -13.47 15.20
N VAL B 29 -21.34 -12.83 14.79
CA VAL B 29 -20.05 -12.98 15.47
C VAL B 29 -19.90 -12.24 16.80
N TRP B 30 -19.81 -13.02 17.87
CA TRP B 30 -19.63 -12.50 19.23
C TRP B 30 -18.30 -12.99 19.79
N GLU B 31 -17.72 -12.22 20.69
CA GLU B 31 -16.47 -12.60 21.32
C GLU B 31 -16.67 -13.99 21.93
N GLY B 32 -15.76 -14.91 21.64
CA GLY B 32 -15.86 -16.26 22.17
C GLY B 32 -16.34 -17.30 21.17
N THR B 33 -17.07 -16.87 20.14
CA THR B 33 -17.59 -17.79 19.15
C THR B 33 -16.63 -18.09 18.01
N TYR B 34 -15.66 -17.21 17.80
CA TYR B 34 -14.73 -17.39 16.69
C TYR B 34 -13.35 -17.94 17.02
N ASN B 35 -12.81 -18.69 16.07
CA ASN B 35 -11.48 -19.28 16.18
C ASN B 35 -10.61 -18.52 15.20
N ARG B 36 -10.03 -17.41 15.64
CA ARG B 36 -9.20 -16.60 14.74
C ARG B 36 -7.96 -17.32 14.24
N ALA B 37 -7.38 -18.17 15.08
CA ALA B 37 -6.17 -18.91 14.68
C ALA B 37 -6.43 -19.73 13.43
N VAL B 38 -7.56 -20.44 13.40
CA VAL B 38 -7.89 -21.26 12.24
C VAL B 38 -8.06 -20.40 10.99
N LEU B 39 -8.75 -19.27 11.15
CA LEU B 39 -8.98 -18.37 10.03
C LEU B 39 -7.70 -17.69 9.53
N ASP B 40 -6.85 -17.25 10.46
CA ASP B 40 -5.60 -16.60 10.05
C ASP B 40 -4.79 -17.56 9.17
N ASN B 41 -4.74 -18.83 9.56
CA ASN B 41 -4.01 -19.82 8.79
C ASN B 41 -4.64 -19.99 7.41
N TYR B 42 -5.96 -20.15 7.40
CA TYR B 42 -6.71 -20.33 6.16
C TYR B 42 -6.51 -19.20 5.17
N TYR B 43 -6.70 -17.96 5.63
CA TYR B 43 -6.56 -16.80 4.76
C TYR B 43 -5.13 -16.48 4.37
N ALA B 44 -4.17 -16.78 5.25
CA ALA B 44 -2.78 -16.52 4.95
C ALA B 44 -2.39 -17.37 3.75
N LYS B 45 -2.82 -18.63 3.76
CA LYS B 45 -2.51 -19.54 2.67
C LYS B 45 -3.13 -19.08 1.36
N GLN B 46 -4.24 -18.35 1.43
CA GLN B 46 -4.89 -17.85 0.22
C GLN B 46 -4.30 -16.50 -0.18
N LYS B 47 -3.45 -15.95 0.69
CA LYS B 47 -2.80 -14.67 0.45
C LYS B 47 -3.82 -13.58 0.13
N ILE B 48 -4.71 -13.28 1.07
CA ILE B 48 -5.70 -12.25 0.85
C ILE B 48 -5.19 -10.87 1.25
N THR B 49 -5.85 -9.85 0.73
CA THR B 49 -5.53 -8.47 1.05
C THR B 49 -6.88 -7.88 1.40
N VAL B 50 -6.94 -7.09 2.47
CA VAL B 50 -8.20 -6.49 2.91
C VAL B 50 -8.13 -4.98 2.79
N GLY B 51 -9.18 -4.39 2.22
CA GLY B 51 -9.22 -2.94 2.06
C GLY B 51 -10.12 -2.30 3.09
N LEU B 52 -9.94 -1.00 3.31
CA LEU B 52 -10.75 -0.27 4.27
C LEU B 52 -10.87 1.17 3.79
N THR B 53 -12.10 1.61 3.52
CA THR B 53 -12.32 2.98 3.07
C THR B 53 -12.78 3.80 4.27
N VAL B 54 -12.36 5.06 4.29
CA VAL B 54 -12.75 5.97 5.36
C VAL B 54 -12.76 7.37 4.78
N PHE B 55 -13.82 8.13 5.09
CA PHE B 55 -13.98 9.50 4.61
C PHE B 55 -13.81 10.49 5.75
N ALA B 56 -13.17 11.62 5.45
CA ALA B 56 -12.98 12.67 6.45
C ALA B 56 -13.06 13.98 5.68
N VAL B 57 -14.18 14.67 5.85
CA VAL B 57 -14.42 15.95 5.18
C VAL B 57 -14.65 17.03 6.23
N GLY B 58 -14.02 18.18 6.05
CA GLY B 58 -14.18 19.26 7.01
C GLY B 58 -13.43 18.97 8.29
N ARG B 59 -13.96 19.47 9.40
CA ARG B 59 -13.32 19.29 10.70
C ARG B 59 -13.18 17.83 11.12
N TYR B 60 -13.92 16.94 10.46
CA TYR B 60 -13.83 15.52 10.78
C TYR B 60 -12.39 15.04 10.57
N ILE B 61 -11.66 15.75 9.72
CA ILE B 61 -10.26 15.38 9.46
C ILE B 61 -9.43 15.54 10.72
N GLU B 62 -9.39 16.77 11.24
CA GLU B 62 -8.61 17.07 12.44
C GLU B 62 -9.13 16.38 13.70
N HIS B 63 -10.45 16.23 13.78
CA HIS B 63 -11.05 15.60 14.95
C HIS B 63 -10.90 14.09 15.05
N TYR B 64 -11.03 13.39 13.94
CA TYR B 64 -11.00 11.93 13.98
C TYR B 64 -10.07 11.09 13.11
N LEU B 65 -9.60 11.64 12.00
CA LEU B 65 -8.79 10.83 11.08
C LEU B 65 -7.52 10.19 11.64
N GLU B 66 -6.72 10.96 12.37
N GLU B 66 -6.71 10.95 12.36
CA GLU B 66 -5.48 10.43 12.95
CA GLU B 66 -5.48 10.37 12.91
C GLU B 66 -5.79 9.29 13.91
C GLU B 66 -5.80 9.26 13.90
N GLU B 67 -6.74 9.52 14.81
CA GLU B 67 -7.11 8.51 15.80
C GLU B 67 -7.64 7.25 15.14
N PHE B 68 -8.42 7.41 14.08
CA PHE B 68 -8.96 6.27 13.38
C PHE B 68 -7.85 5.45 12.73
N LEU B 69 -6.99 6.12 11.96
CA LEU B 69 -5.90 5.44 11.26
C LEU B 69 -4.88 4.80 12.20
N THR B 70 -4.53 5.51 13.27
CA THR B 70 -3.57 4.97 14.22
C THR B 70 -4.10 3.68 14.86
N SER B 71 -5.39 3.67 15.21
CA SER B 71 -5.97 2.49 15.83
C SER B 71 -6.16 1.36 14.81
N ALA B 72 -6.53 1.71 13.58
CA ALA B 72 -6.73 0.70 12.54
C ALA B 72 -5.41 0.01 12.20
N ASN B 73 -4.34 0.79 12.16
CA ASN B 73 -3.02 0.26 11.86
C ASN B 73 -2.64 -0.81 12.87
N LYS B 74 -3.02 -0.57 14.12
CA LYS B 74 -2.71 -1.46 15.22
C LYS B 74 -3.64 -2.66 15.41
N HIS B 75 -4.90 -2.52 15.04
CA HIS B 75 -5.89 -3.57 15.27
C HIS B 75 -6.60 -4.25 14.10
N PHE B 76 -6.63 -3.61 12.93
CA PHE B 76 -7.34 -4.15 11.77
C PHE B 76 -6.62 -5.23 10.94
N MET B 77 -7.21 -6.42 10.91
CA MET B 77 -6.66 -7.55 10.13
C MET B 77 -5.17 -7.76 10.34
N VAL B 78 -4.70 -7.69 11.58
CA VAL B 78 -3.28 -7.88 11.85
C VAL B 78 -2.80 -9.22 11.32
N GLY B 79 -1.66 -9.21 10.63
CA GLY B 79 -1.10 -10.44 10.08
C GLY B 79 -1.41 -10.64 8.60
N HIS B 80 -2.20 -9.73 8.03
CA HIS B 80 -2.58 -9.81 6.62
C HIS B 80 -2.41 -8.46 5.95
N PRO B 81 -2.09 -8.44 4.65
CA PRO B 81 -1.91 -7.17 3.93
C PRO B 81 -3.18 -6.35 3.99
N VAL B 82 -3.04 -5.07 4.31
CA VAL B 82 -4.20 -4.18 4.40
C VAL B 82 -3.89 -2.91 3.64
N ILE B 83 -4.89 -2.37 2.95
CA ILE B 83 -4.73 -1.12 2.21
C ILE B 83 -5.80 -0.15 2.70
N PHE B 84 -5.37 0.97 3.27
CA PHE B 84 -6.31 1.97 3.76
C PHE B 84 -6.57 2.97 2.64
N TYR B 85 -7.84 3.16 2.28
CA TYR B 85 -8.21 4.11 1.24
C TYR B 85 -8.80 5.33 1.95
N ILE B 86 -8.09 6.44 1.88
CA ILE B 86 -8.53 7.65 2.57
C ILE B 86 -9.09 8.71 1.62
N MET B 87 -10.33 9.13 1.87
CA MET B 87 -10.99 10.15 1.05
C MET B 87 -11.20 11.41 1.89
N VAL B 88 -10.57 12.51 1.47
CA VAL B 88 -10.69 13.79 2.17
C VAL B 88 -10.88 14.92 1.17
N ASP B 89 -11.39 16.05 1.63
CA ASP B 89 -11.61 17.17 0.72
C ASP B 89 -10.37 18.06 0.61
N ASP B 90 -9.41 17.85 1.52
CA ASP B 90 -8.18 18.63 1.52
C ASP B 90 -7.02 17.73 1.95
N VAL B 91 -6.26 17.26 0.98
CA VAL B 91 -5.14 16.36 1.28
C VAL B 91 -4.03 16.99 2.11
N SER B 92 -3.95 18.31 2.11
CA SER B 92 -2.91 18.99 2.88
C SER B 92 -3.16 18.90 4.39
N ARG B 93 -4.37 18.49 4.77
CA ARG B 93 -4.72 18.36 6.18
C ARG B 93 -4.73 16.90 6.60
N MET B 94 -4.34 16.04 5.67
CA MET B 94 -4.28 14.60 5.89
C MET B 94 -3.17 14.21 6.88
N PRO B 95 -3.54 13.63 8.03
CA PRO B 95 -2.55 13.21 9.02
C PRO B 95 -1.72 12.06 8.47
N LEU B 96 -0.43 12.28 8.26
CA LEU B 96 0.43 11.23 7.71
C LEU B 96 1.14 10.50 8.86
N ILE B 97 0.54 9.42 9.33
CA ILE B 97 1.11 8.64 10.43
C ILE B 97 1.98 7.50 9.91
N GLU B 98 2.77 6.91 10.81
CA GLU B 98 3.63 5.79 10.43
C GLU B 98 2.79 4.52 10.47
N LEU B 99 2.86 3.72 9.42
CA LEU B 99 2.11 2.47 9.37
C LEU B 99 3.06 1.32 9.70
N GLY B 100 2.49 0.23 10.22
CA GLY B 100 3.29 -0.92 10.58
C GLY B 100 3.35 -1.99 9.50
N PRO B 101 3.94 -3.14 9.81
CA PRO B 101 4.05 -4.24 8.84
C PRO B 101 2.71 -4.63 8.22
N LEU B 102 2.74 -4.85 6.90
CA LEU B 102 1.56 -5.24 6.15
C LEU B 102 0.47 -4.18 5.99
N ARG B 103 0.80 -2.93 6.32
CA ARG B 103 -0.14 -1.83 6.15
C ARG B 103 0.44 -0.87 5.12
N SER B 104 -0.43 -0.29 4.30
CA SER B 104 -0.04 0.71 3.30
C SER B 104 -1.32 1.48 3.01
N PHE B 105 -1.22 2.56 2.25
CA PHE B 105 -2.42 3.34 1.98
C PHE B 105 -2.28 4.25 0.77
N LYS B 106 -3.38 4.92 0.46
CA LYS B 106 -3.40 5.92 -0.60
C LYS B 106 -4.56 6.84 -0.32
N VAL B 107 -4.36 8.10 -0.68
CA VAL B 107 -5.32 9.16 -0.43
C VAL B 107 -5.90 9.75 -1.70
N PHE B 108 -7.18 10.09 -1.63
CA PHE B 108 -7.88 10.70 -2.75
C PHE B 108 -8.56 11.97 -2.29
N LYS B 109 -8.53 12.99 -3.15
CA LYS B 109 -9.17 14.25 -2.85
C LYS B 109 -10.58 14.21 -3.43
N ILE B 110 -11.58 14.46 -2.59
CA ILE B 110 -12.96 14.46 -3.04
C ILE B 110 -13.61 15.83 -2.86
N LYS B 111 -14.72 16.04 -3.56
CA LYS B 111 -15.46 17.27 -3.46
C LYS B 111 -16.24 17.29 -2.16
N PRO B 112 -16.21 18.42 -1.44
CA PRO B 112 -16.94 18.50 -0.17
C PRO B 112 -18.39 18.90 -0.45
N GLU B 113 -19.34 18.04 -0.09
CA GLU B 113 -20.75 18.36 -0.31
C GLU B 113 -21.13 19.46 0.68
N LYS B 114 -22.09 20.30 0.30
CA LYS B 114 -22.50 21.42 1.15
C LYS B 114 -23.20 21.03 2.46
N ARG B 115 -24.06 20.02 2.40
CA ARG B 115 -24.78 19.55 3.58
C ARG B 115 -24.10 18.31 4.13
N TRP B 116 -23.97 18.21 5.45
CA TRP B 116 -23.33 17.03 6.03
C TRP B 116 -24.11 15.77 5.70
N GLN B 117 -25.42 15.88 5.53
CA GLN B 117 -26.25 14.72 5.19
C GLN B 117 -25.80 14.16 3.85
N ASP B 118 -25.48 15.04 2.91
CA ASP B 118 -25.02 14.61 1.60
C ASP B 118 -23.57 14.12 1.64
N ILE B 119 -22.78 14.67 2.55
CA ILE B 119 -21.40 14.23 2.69
C ILE B 119 -21.46 12.75 3.07
N SER B 120 -22.34 12.44 4.02
CA SER B 120 -22.50 11.07 4.50
C SER B 120 -23.07 10.16 3.42
N MET B 121 -24.13 10.63 2.75
CA MET B 121 -24.77 9.82 1.71
C MET B 121 -23.98 9.64 0.43
N MET B 122 -23.27 10.69 0.00
CA MET B 122 -22.50 10.63 -1.24
C MET B 122 -21.40 9.56 -1.17
N ARG B 123 -21.04 9.13 0.03
CA ARG B 123 -20.02 8.10 0.19
C ARG B 123 -20.40 6.86 -0.61
N MET B 124 -21.70 6.56 -0.65
CA MET B 124 -22.17 5.38 -1.38
C MET B 124 -21.75 5.45 -2.84
N LYS B 125 -21.91 6.62 -3.44
CA LYS B 125 -21.55 6.82 -4.84
C LYS B 125 -20.05 6.70 -5.06
N THR B 126 -19.28 7.42 -4.24
CA THR B 126 -17.82 7.41 -4.35
C THR B 126 -17.20 6.04 -4.11
N ILE B 127 -17.71 5.28 -3.15
CA ILE B 127 -17.16 3.96 -2.88
C ILE B 127 -17.32 3.07 -4.12
N GLY B 128 -18.52 3.09 -4.71
CA GLY B 128 -18.77 2.29 -5.89
C GLY B 128 -17.82 2.63 -7.03
N GLU B 129 -17.56 3.92 -7.23
CA GLU B 129 -16.67 4.36 -8.30
C GLU B 129 -15.25 3.81 -8.08
N HIS B 130 -14.78 3.87 -6.84
CA HIS B 130 -13.45 3.37 -6.54
C HIS B 130 -13.37 1.85 -6.63
N ILE B 131 -14.44 1.16 -6.25
CA ILE B 131 -14.40 -0.31 -6.35
C ILE B 131 -14.20 -0.69 -7.81
N VAL B 132 -14.96 -0.06 -8.70
CA VAL B 132 -14.84 -0.36 -10.13
C VAL B 132 -13.48 0.07 -10.67
N ALA B 133 -13.05 1.27 -10.32
CA ALA B 133 -11.78 1.79 -10.80
C ALA B 133 -10.54 1.04 -10.32
N HIS B 134 -10.50 0.65 -9.05
CA HIS B 134 -9.30 -0.04 -8.57
C HIS B 134 -9.43 -1.04 -7.44
N ILE B 135 -10.28 -0.77 -6.46
CA ILE B 135 -10.38 -1.69 -5.31
C ILE B 135 -10.69 -3.13 -5.69
N GLN B 136 -11.51 -3.35 -6.71
CA GLN B 136 -11.86 -4.70 -7.11
C GLN B 136 -10.63 -5.49 -7.56
N HIS B 137 -9.58 -4.78 -7.98
CA HIS B 137 -8.35 -5.42 -8.44
C HIS B 137 -7.29 -5.50 -7.35
N GLU B 138 -7.54 -4.84 -6.22
CA GLU B 138 -6.55 -4.80 -5.15
C GLU B 138 -6.83 -5.62 -3.90
N VAL B 139 -8.09 -5.91 -3.62
CA VAL B 139 -8.41 -6.65 -2.41
C VAL B 139 -9.44 -7.77 -2.59
N ASP B 140 -9.44 -8.69 -1.63
CA ASP B 140 -10.35 -9.82 -1.63
C ASP B 140 -11.62 -9.44 -0.85
N PHE B 141 -11.46 -8.59 0.16
CA PHE B 141 -12.58 -8.13 0.97
C PHE B 141 -12.38 -6.65 1.26
N LEU B 142 -13.48 -5.96 1.53
CA LEU B 142 -13.45 -4.53 1.80
C LEU B 142 -14.43 -4.12 2.89
N PHE B 143 -13.98 -3.25 3.77
CA PHE B 143 -14.83 -2.71 4.82
C PHE B 143 -14.89 -1.21 4.57
N CYS B 144 -16.08 -0.64 4.78
CA CYS B 144 -16.32 0.79 4.60
C CYS B 144 -16.76 1.29 5.97
N MET B 145 -16.00 2.20 6.55
CA MET B 145 -16.30 2.68 7.89
C MET B 145 -16.37 4.18 8.09
N ASP B 146 -17.09 4.56 9.14
CA ASP B 146 -17.22 5.95 9.57
C ASP B 146 -15.86 6.29 10.16
N VAL B 147 -15.50 7.58 10.18
CA VAL B 147 -14.22 7.98 10.72
C VAL B 147 -14.31 8.31 12.23
N ASP B 148 -15.52 8.63 12.68
CA ASP B 148 -15.75 9.01 14.08
C ASP B 148 -15.83 7.83 15.05
N GLN B 149 -14.82 6.97 15.02
CA GLN B 149 -14.75 5.80 15.89
C GLN B 149 -13.29 5.40 16.03
N VAL B 150 -13.00 4.51 16.98
CA VAL B 150 -11.63 4.09 17.25
C VAL B 150 -11.55 2.58 17.53
N PHE B 151 -10.59 1.91 16.90
CA PHE B 151 -10.41 0.47 17.15
C PHE B 151 -9.84 0.35 18.56
N GLN B 152 -10.35 -0.60 19.34
CA GLN B 152 -9.89 -0.81 20.72
C GLN B 152 -9.19 -2.14 20.92
N ASP B 153 -9.43 -3.09 20.01
CA ASP B 153 -8.78 -4.40 20.10
C ASP B 153 -8.85 -5.06 18.74
N LYS B 154 -8.32 -6.27 18.65
CA LYS B 154 -8.29 -6.99 17.38
C LYS B 154 -9.63 -7.08 16.67
N PHE B 155 -9.62 -6.61 15.41
CA PHE B 155 -10.78 -6.61 14.54
C PHE B 155 -10.21 -7.41 13.37
N GLY B 156 -10.31 -8.74 13.46
CA GLY B 156 -9.70 -9.60 12.46
C GLY B 156 -10.51 -10.33 11.40
N VAL B 157 -9.86 -11.34 10.81
CA VAL B 157 -10.47 -12.12 9.74
C VAL B 157 -11.76 -12.83 10.12
N GLU B 158 -12.09 -12.88 11.40
CA GLU B 158 -13.34 -13.52 11.80
C GLU B 158 -14.51 -12.67 11.32
N THR B 159 -14.24 -11.45 10.86
CA THR B 159 -15.29 -10.55 10.39
C THR B 159 -15.51 -10.56 8.88
N LEU B 160 -14.66 -11.26 8.14
CA LEU B 160 -14.75 -11.32 6.69
C LEU B 160 -15.90 -12.19 6.17
N GLY B 161 -16.45 -11.82 5.02
CA GLY B 161 -17.55 -12.58 4.44
C GLY B 161 -18.04 -11.92 3.16
N GLU B 162 -18.96 -12.58 2.46
CA GLU B 162 -19.50 -12.04 1.21
C GLU B 162 -20.11 -10.66 1.43
N SER B 163 -21.00 -10.56 2.42
CA SER B 163 -21.63 -9.27 2.76
C SER B 163 -21.72 -9.23 4.29
N VAL B 164 -21.11 -8.22 4.88
CA VAL B 164 -21.06 -8.10 6.34
C VAL B 164 -21.77 -6.87 6.90
N ALA B 165 -22.68 -7.11 7.84
CA ALA B 165 -23.43 -6.03 8.48
C ALA B 165 -23.06 -5.90 9.95
N GLN B 166 -23.30 -4.71 10.49
CA GLN B 166 -23.00 -4.42 11.89
C GLN B 166 -24.26 -4.16 12.71
N LEU B 167 -24.40 -4.87 13.84
CA LEU B 167 -25.57 -4.65 14.71
C LEU B 167 -25.37 -3.36 15.48
N GLN B 168 -26.33 -2.45 15.36
CA GLN B 168 -26.21 -1.17 16.05
C GLN B 168 -26.34 -1.39 17.56
N ALA B 169 -25.40 -0.83 18.32
CA ALA B 169 -25.31 -0.98 19.77
C ALA B 169 -26.56 -0.73 20.61
N TRP B 170 -27.35 0.27 20.25
CA TRP B 170 -28.55 0.58 21.02
C TRP B 170 -29.78 -0.28 20.76
N TRP B 171 -29.90 -0.88 19.58
CA TRP B 171 -31.09 -1.66 19.27
C TRP B 171 -30.93 -3.17 19.10
N TYR B 172 -29.76 -3.72 19.39
CA TYR B 172 -29.55 -5.14 19.18
C TYR B 172 -30.48 -6.08 19.93
N LYS B 173 -31.05 -5.63 21.05
CA LYS B 173 -31.96 -6.46 21.83
C LYS B 173 -33.42 -6.00 21.68
N ALA B 174 -33.63 -4.94 20.92
CA ALA B 174 -34.97 -4.37 20.75
C ALA B 174 -35.84 -5.11 19.74
N ASP B 175 -37.15 -4.90 19.86
CA ASP B 175 -38.12 -5.50 18.94
C ASP B 175 -38.02 -4.69 17.66
N PRO B 176 -37.95 -5.37 16.50
CA PRO B 176 -37.84 -4.65 15.23
C PRO B 176 -38.86 -3.53 15.04
N ASN B 177 -40.04 -3.70 15.62
CA ASN B 177 -41.08 -2.69 15.49
C ASN B 177 -40.75 -1.42 16.27
N ASP B 178 -39.60 -1.42 16.94
CA ASP B 178 -39.14 -0.24 17.69
C ASP B 178 -37.92 0.35 16.98
N PHE B 179 -37.44 -0.34 15.95
CA PHE B 179 -36.28 0.12 15.18
C PHE B 179 -36.58 1.46 14.53
N THR B 180 -35.54 2.26 14.32
CA THR B 180 -35.71 3.57 13.71
C THR B 180 -35.55 3.50 12.18
N TYR B 181 -36.26 2.57 11.56
CA TYR B 181 -36.25 2.44 10.10
C TYR B 181 -37.01 3.64 9.56
N GLU B 182 -36.84 3.92 8.26
CA GLU B 182 -37.60 4.99 7.65
C GLU B 182 -38.99 4.37 7.56
N ARG B 183 -40.01 5.07 8.07
CA ARG B 183 -41.36 4.52 8.05
C ARG B 183 -42.33 5.15 7.05
N ARG B 184 -41.87 6.12 6.26
CA ARG B 184 -42.72 6.77 5.28
C ARG B 184 -42.67 6.01 3.94
N LYS B 185 -43.85 5.59 3.47
CA LYS B 185 -43.94 4.83 2.22
C LYS B 185 -43.38 5.54 0.98
N GLU B 186 -43.34 6.87 1.02
CA GLU B 186 -42.83 7.65 -0.11
C GLU B 186 -41.33 7.48 -0.32
N SER B 187 -40.62 7.00 0.70
CA SER B 187 -39.18 6.82 0.61
C SER B 187 -38.79 5.42 0.14
N ALA B 188 -37.71 5.36 -0.64
CA ALA B 188 -37.20 4.10 -1.17
C ALA B 188 -36.67 3.24 -0.03
N ALA B 189 -36.40 3.85 1.11
CA ALA B 189 -35.87 3.14 2.27
C ALA B 189 -36.97 2.59 3.19
N TYR B 190 -38.21 2.81 2.80
CA TYR B 190 -39.36 2.37 3.59
C TYR B 190 -39.35 0.90 4.01
N ILE B 191 -39.61 0.67 5.28
CA ILE B 191 -39.73 -0.67 5.85
C ILE B 191 -40.96 -0.58 6.74
N PRO B 192 -42.03 -1.31 6.38
CA PRO B 192 -43.28 -1.30 7.15
C PRO B 192 -43.18 -1.97 8.51
N PHE B 193 -44.05 -1.57 9.42
CA PHE B 193 -44.06 -2.20 10.73
C PHE B 193 -44.42 -3.65 10.47
N GLY B 194 -43.83 -4.56 11.23
CA GLY B 194 -44.11 -5.97 11.02
C GLY B 194 -43.03 -6.62 10.17
N GLU B 195 -42.08 -5.81 9.71
CA GLU B 195 -40.97 -6.30 8.91
C GLU B 195 -39.65 -5.83 9.48
N GLY B 196 -38.58 -6.54 9.14
CA GLY B 196 -37.25 -6.19 9.62
C GLY B 196 -36.65 -7.30 10.47
N ASP B 197 -35.35 -7.54 10.30
CA ASP B 197 -34.66 -8.57 11.08
C ASP B 197 -33.86 -7.92 12.21
N PHE B 198 -33.02 -6.96 11.85
CA PHE B 198 -32.20 -6.24 12.81
C PHE B 198 -32.03 -4.80 12.37
N TYR B 199 -31.48 -3.98 13.25
CA TYR B 199 -31.22 -2.60 12.87
C TYR B 199 -29.71 -2.54 12.72
N TYR B 200 -29.26 -2.40 11.48
CA TYR B 200 -27.84 -2.36 11.17
C TYR B 200 -27.28 -0.95 11.24
N HIS B 201 -26.05 -0.83 11.74
CA HIS B 201 -25.37 0.45 11.88
C HIS B 201 -24.59 0.74 10.59
N ALA B 202 -24.78 1.93 10.03
CA ALA B 202 -24.08 2.29 8.80
C ALA B 202 -22.62 2.68 9.00
N ALA B 203 -22.16 2.69 10.25
CA ALA B 203 -20.78 3.05 10.56
C ALA B 203 -19.80 1.95 10.13
N ILE B 204 -20.32 0.75 9.93
CA ILE B 204 -19.49 -0.37 9.50
C ILE B 204 -20.26 -1.36 8.61
N PHE B 205 -19.71 -1.63 7.43
CA PHE B 205 -20.28 -2.64 6.54
C PHE B 205 -19.20 -3.06 5.58
N GLY B 206 -19.30 -4.27 5.05
CA GLY B 206 -18.28 -4.74 4.14
C GLY B 206 -18.66 -6.00 3.39
N GLY B 207 -17.67 -6.63 2.78
CA GLY B 207 -17.89 -7.85 2.01
C GLY B 207 -16.88 -7.89 0.87
N THR B 208 -17.13 -8.72 -0.13
CA THR B 208 -16.24 -8.76 -1.28
C THR B 208 -16.50 -7.49 -2.08
N PRO B 209 -15.55 -7.07 -2.92
CA PRO B 209 -15.79 -5.85 -3.70
C PRO B 209 -17.08 -5.95 -4.51
N THR B 210 -17.38 -7.14 -5.01
CA THR B 210 -18.60 -7.35 -5.78
C THR B 210 -19.85 -7.03 -4.99
N GLN B 211 -19.93 -7.56 -3.78
CA GLN B 211 -21.10 -7.33 -2.93
C GLN B 211 -21.17 -5.88 -2.45
N VAL B 212 -20.04 -5.32 -2.05
CA VAL B 212 -20.04 -3.94 -1.57
C VAL B 212 -20.46 -3.00 -2.70
N LEU B 213 -20.08 -3.34 -3.94
CA LEU B 213 -20.45 -2.50 -5.06
C LEU B 213 -21.97 -2.49 -5.20
N ASN B 214 -22.59 -3.65 -5.03
CA ASN B 214 -24.06 -3.73 -5.14
C ASN B 214 -24.70 -3.00 -3.97
N ILE B 215 -24.12 -3.15 -2.78
CA ILE B 215 -24.65 -2.48 -1.60
C ILE B 215 -24.67 -0.97 -1.82
N THR B 216 -23.51 -0.43 -2.18
CA THR B 216 -23.38 1.01 -2.40
C THR B 216 -24.17 1.51 -3.60
N GLN B 217 -24.23 0.72 -4.67
CA GLN B 217 -24.97 1.12 -5.86
C GLN B 217 -26.46 1.19 -5.59
N GLU B 218 -27.00 0.16 -4.92
CA GLU B 218 -28.42 0.13 -4.62
C GLU B 218 -28.80 1.21 -3.61
N CYS B 219 -27.96 1.44 -2.61
CA CYS B 219 -28.27 2.46 -1.61
C CYS B 219 -28.28 3.83 -2.27
N PHE B 220 -27.30 4.11 -3.13
CA PHE B 220 -27.28 5.43 -3.77
C PHE B 220 -28.45 5.61 -4.72
N LYS B 221 -28.92 4.53 -5.33
CA LYS B 221 -30.06 4.62 -6.25
C LYS B 221 -31.28 5.05 -5.44
N GLY B 222 -31.39 4.50 -4.23
CA GLY B 222 -32.51 4.85 -3.37
C GLY B 222 -32.39 6.28 -2.90
N ILE B 223 -31.15 6.70 -2.63
CA ILE B 223 -30.88 8.07 -2.19
C ILE B 223 -31.29 9.06 -3.27
N LEU B 224 -30.94 8.75 -4.52
CA LEU B 224 -31.27 9.62 -5.64
C LEU B 224 -32.77 9.63 -5.94
N LYS B 225 -33.41 8.47 -5.82
CA LYS B 225 -34.84 8.36 -6.06
C LYS B 225 -35.60 9.24 -5.07
N ASP B 226 -35.18 9.21 -3.81
CA ASP B 226 -35.83 10.03 -2.80
C ASP B 226 -35.69 11.51 -3.16
N LYS B 227 -34.50 11.89 -3.65
CA LYS B 227 -34.29 13.29 -4.04
C LYS B 227 -35.31 13.70 -5.10
N LYS B 228 -35.58 12.81 -6.04
CA LYS B 228 -36.54 13.11 -7.11
C LYS B 228 -37.97 13.16 -6.54
N ASN B 229 -38.19 12.51 -5.42
CA ASN B 229 -39.52 12.51 -4.81
C ASN B 229 -39.62 13.48 -3.63
N ASP B 230 -38.69 14.43 -3.59
CA ASP B 230 -38.66 15.46 -2.55
C ASP B 230 -38.79 14.91 -1.13
N ILE B 231 -37.98 13.91 -0.81
CA ILE B 231 -37.99 13.31 0.51
C ILE B 231 -36.58 12.85 0.86
N GLU B 232 -36.24 12.87 2.15
CA GLU B 232 -34.93 12.45 2.59
C GLU B 232 -35.12 11.54 3.80
N ALA B 233 -34.62 10.32 3.71
CA ALA B 233 -34.74 9.34 4.78
C ALA B 233 -34.30 9.89 6.13
N GLN B 234 -35.03 9.53 7.18
CA GLN B 234 -34.75 9.98 8.53
C GLN B 234 -33.29 9.81 8.92
N TRP B 235 -32.74 8.63 8.66
CA TRP B 235 -31.35 8.37 9.00
C TRP B 235 -30.45 8.22 7.77
N HIS B 236 -30.80 8.97 6.72
CA HIS B 236 -30.02 9.02 5.50
C HIS B 236 -29.48 7.68 4.98
N ASP B 237 -28.18 7.59 4.70
CA ASP B 237 -27.64 6.35 4.17
C ASP B 237 -27.91 5.12 5.02
N GLU B 238 -28.03 5.29 6.33
CA GLU B 238 -28.29 4.16 7.21
C GLU B 238 -29.68 3.59 6.97
N SER B 239 -30.65 4.46 6.69
CA SER B 239 -32.01 4.00 6.42
C SER B 239 -32.00 3.15 5.17
N HIS B 240 -31.27 3.60 4.17
CA HIS B 240 -31.16 2.88 2.89
C HIS B 240 -30.38 1.58 3.07
N LEU B 241 -29.34 1.60 3.90
CA LEU B 241 -28.56 0.40 4.11
C LEU B 241 -29.44 -0.66 4.76
N ASN B 242 -30.30 -0.24 5.68
CA ASN B 242 -31.18 -1.19 6.35
C ASN B 242 -32.20 -1.79 5.40
N LYS B 243 -32.69 -0.99 4.46
CA LYS B 243 -33.65 -1.48 3.48
C LYS B 243 -32.95 -2.51 2.58
N TYR B 244 -31.71 -2.22 2.21
CA TYR B 244 -30.94 -3.12 1.37
C TYR B 244 -30.72 -4.47 2.03
N PHE B 245 -30.25 -4.45 3.28
CA PHE B 245 -29.98 -5.66 4.02
C PHE B 245 -31.24 -6.45 4.36
N LEU B 246 -32.41 -5.81 4.27
CA LEU B 246 -33.66 -6.52 4.53
C LEU B 246 -33.96 -7.37 3.29
N LEU B 247 -33.74 -6.76 2.12
CA LEU B 247 -33.97 -7.43 0.85
C LEU B 247 -32.85 -8.40 0.47
N ASN B 248 -31.62 -8.01 0.78
CA ASN B 248 -30.44 -8.81 0.48
C ASN B 248 -29.74 -9.07 1.80
N LYS B 249 -30.20 -10.11 2.50
CA LYS B 249 -29.68 -10.45 3.80
C LYS B 249 -28.17 -10.70 3.84
N PRO B 250 -27.49 -10.12 4.84
CA PRO B 250 -26.05 -10.28 5.00
C PRO B 250 -25.66 -11.71 5.31
N THR B 251 -24.51 -12.13 4.81
CA THR B 251 -24.03 -13.49 5.06
C THR B 251 -23.32 -13.56 6.40
N LYS B 252 -23.11 -12.41 7.02
CA LYS B 252 -22.45 -12.36 8.31
C LYS B 252 -22.80 -11.06 9.03
N ILE B 253 -23.04 -11.17 10.34
CA ILE B 253 -23.36 -10.00 11.15
C ILE B 253 -22.36 -9.94 12.30
N LEU B 254 -21.96 -8.73 12.68
CA LEU B 254 -21.02 -8.56 13.77
C LEU B 254 -21.78 -8.04 14.99
N SER B 255 -21.43 -8.55 16.16
CA SER B 255 -22.10 -8.13 17.38
C SER B 255 -21.73 -6.69 17.71
N PRO B 256 -22.48 -6.04 18.59
CA PRO B 256 -22.20 -4.65 18.97
C PRO B 256 -20.83 -4.49 19.61
N GLU B 257 -20.19 -5.61 19.94
CA GLU B 257 -18.85 -5.56 20.51
C GLU B 257 -17.91 -4.98 19.45
N TYR B 258 -18.28 -5.12 18.19
CA TYR B 258 -17.46 -4.61 17.09
C TYR B 258 -17.70 -3.14 16.76
N CYS B 259 -18.62 -2.50 17.49
CA CYS B 259 -18.91 -1.08 17.29
C CYS B 259 -19.77 -0.65 18.47
N TRP B 260 -19.12 -0.52 19.62
CA TRP B 260 -19.80 -0.19 20.87
C TRP B 260 -19.84 1.27 21.28
N ASP B 261 -20.96 1.69 21.87
CA ASP B 261 -21.13 3.05 22.36
C ASP B 261 -20.99 3.02 23.88
N TYR B 262 -19.86 3.50 24.39
CA TYR B 262 -19.63 3.49 25.84
C TYR B 262 -20.60 4.36 26.63
N HIS B 263 -21.40 5.16 25.94
CA HIS B 263 -22.37 5.99 26.64
C HIS B 263 -23.43 5.10 27.28
N ILE B 264 -23.59 3.90 26.72
CA ILE B 264 -24.56 2.94 27.24
C ILE B 264 -24.00 2.29 28.50
N GLY B 265 -22.69 2.38 28.66
CA GLY B 265 -22.02 1.75 29.78
C GLY B 265 -21.41 0.48 29.19
N LEU B 266 -21.19 -0.54 30.02
CA LEU B 266 -20.63 -1.79 29.53
C LEU B 266 -21.36 -2.97 30.17
N PRO B 267 -22.44 -3.45 29.52
CA PRO B 267 -23.26 -4.57 29.99
C PRO B 267 -22.54 -5.91 29.91
N ALA B 268 -23.15 -6.93 30.50
CA ALA B 268 -22.59 -8.27 30.51
C ALA B 268 -22.39 -8.90 29.13
N ASP B 269 -23.25 -8.55 28.17
CA ASP B 269 -23.15 -9.11 26.82
C ASP B 269 -21.92 -8.65 26.03
N ILE B 270 -21.40 -7.46 26.37
CA ILE B 270 -20.24 -6.91 25.68
C ILE B 270 -18.97 -7.34 26.40
N LYS B 271 -18.43 -8.48 25.97
CA LYS B 271 -17.24 -9.08 26.59
C LYS B 271 -15.91 -8.41 26.27
N LEU B 272 -15.69 -8.11 24.99
CA LEU B 272 -14.45 -7.47 24.56
C LEU B 272 -14.73 -6.52 23.41
N VAL B 273 -14.57 -5.23 23.67
CA VAL B 273 -14.84 -4.21 22.66
C VAL B 273 -13.70 -4.10 21.64
N LYS B 274 -14.05 -4.17 20.36
CA LYS B 274 -13.06 -4.09 19.28
C LYS B 274 -13.07 -2.69 18.66
N MET B 275 -14.17 -1.97 18.81
CA MET B 275 -14.31 -0.63 18.25
C MET B 275 -15.28 0.17 19.11
N SER B 276 -14.97 1.44 19.34
CA SER B 276 -15.86 2.27 20.15
C SER B 276 -16.20 3.57 19.42
N TRP B 277 -17.41 4.08 19.66
CA TRP B 277 -17.89 5.32 19.06
C TRP B 277 -17.18 6.52 19.70
N GLN B 278 -16.93 7.55 18.91
CA GLN B 278 -16.32 8.78 19.42
C GLN B 278 -17.54 9.57 19.90
N THR B 279 -17.38 10.33 20.99
CA THR B 279 -18.49 11.12 21.49
C THR B 279 -18.87 12.12 20.41
N LYS B 280 -20.16 12.35 20.22
CA LYS B 280 -20.64 13.27 19.19
C LYS B 280 -20.31 14.72 19.52
N GLU B 281 -19.87 15.47 18.51
CA GLU B 281 -19.52 16.88 18.67
C GLU B 281 -20.05 17.69 17.49
N TYR B 282 -21.30 17.43 17.14
CA TYR B 282 -21.95 18.09 16.01
C TYR B 282 -21.83 19.62 16.01
N ASN B 283 -21.96 20.24 17.18
CA ASN B 283 -21.89 21.69 17.28
C ASN B 283 -20.58 22.23 16.72
N VAL B 284 -19.54 21.40 16.71
CA VAL B 284 -18.24 21.83 16.20
C VAL B 284 -17.87 21.23 14.85
N VAL B 285 -18.13 19.94 14.65
CA VAL B 285 -17.76 19.28 13.40
C VAL B 285 -18.70 19.45 12.21
N ARG B 286 -19.94 19.87 12.46
CA ARG B 286 -20.90 20.07 11.37
C ARG B 286 -21.24 21.55 11.20
N ASN B 287 -21.58 21.95 9.98
CA ASN B 287 -21.89 23.35 9.70
C ASN B 287 -23.32 23.65 9.25
N ASN B 288 -24.21 22.66 9.35
CA ASN B 288 -25.61 22.88 8.96
C ASN B 288 -26.53 21.93 9.71
N VAL B 289 -27.77 22.36 9.90
CA VAL B 289 -28.76 21.55 10.61
C VAL B 289 -29.10 20.29 9.81
#